data_4H4X
#
_entry.id   4H4X
#
_cell.length_a   98.215
_cell.length_b   98.215
_cell.length_c   170.804
_cell.angle_alpha   90.00
_cell.angle_beta   90.00
_cell.angle_gamma   120.00
#
_symmetry.space_group_name_H-M   'P 61 2 2'
#
loop_
_entity.id
_entity.type
_entity.pdbx_description
1 polymer 'Biphenyl dioxygenase ferredoxin reductase subunit'
2 non-polymer 'FLAVIN-ADENINE DINUCLEOTIDE'
3 non-polymer GLYCEROL
4 non-polymer 'FORMIC ACID'
5 water water
#
_entity_poly.entity_id   1
_entity_poly.type   'polypeptide(L)'
_entity_poly.pdbx_seq_one_letter_code
;MSQEALKAPVVVLGAGLASVSFVAELRQAGYQGLITVVGDEAERPYDRPPLSKDFMAHGDAEKIRLDCKRAPEVEWLLGV
TAQSFDPQAHTVALSDGRTLPYGTLVLATGAAPRALPTLQGATMPVHTLRTLEDARRIQAGLRPQSRLLIVGGGVIGLEL
AATARTAGVHVSLVARGPRLMSRAAPATLADFVARYHAAQGVDLRFERSVTGSVDGVVLLDDGTRIAADMVVVGIGVLAN
DALARAAGLACDDGIFVDAYGRTTCPDVYALGDVTRQRNPLSGRFERIETWSNAQNQGIAVARHLVDPTAPGYAELPWYW
SDQGALRIQVAGLASGDEEIVRGEVSLDAPKFTLIELQKGRIVGATCVNNARDFAPLRRLLAVGAKPDRAALADPATDLR
KLAAAVAA
;
_entity_poly.pdbx_strand_id   A
#
loop_
_chem_comp.id
_chem_comp.type
_chem_comp.name
_chem_comp.formula
FAD non-polymer 'FLAVIN-ADENINE DINUCLEOTIDE' 'C27 H33 N9 O15 P2'
FMT non-polymer 'FORMIC ACID' 'C H2 O2'
GOL non-polymer GLYCEROL 'C3 H8 O3'
#
# COMPACT_ATOMS: atom_id res chain seq x y z
N ALA A 5 -29.56 -2.35 9.38
CA ALA A 5 -28.28 -1.66 9.22
C ALA A 5 -27.15 -2.67 9.04
N LEU A 6 -26.53 -3.10 10.13
CA LEU A 6 -25.75 -4.32 10.07
C LEU A 6 -26.72 -5.49 10.04
N LYS A 7 -26.92 -6.02 8.85
CA LYS A 7 -27.88 -7.08 8.62
C LYS A 7 -27.11 -8.35 8.29
N ALA A 8 -27.44 -9.43 8.97
CA ALA A 8 -26.85 -10.74 8.69
C ALA A 8 -27.53 -11.36 7.48
N PRO A 9 -26.82 -12.23 6.75
CA PRO A 9 -25.42 -12.62 6.96
C PRO A 9 -24.45 -11.63 6.31
N VAL A 10 -23.21 -11.63 6.78
CA VAL A 10 -22.18 -10.77 6.24
C VAL A 10 -21.36 -11.56 5.23
N VAL A 11 -21.16 -10.97 4.05
CA VAL A 11 -20.29 -11.54 3.04
C VAL A 11 -19.22 -10.52 2.69
N VAL A 12 -17.96 -10.94 2.70
CA VAL A 12 -16.84 -10.09 2.33
C VAL A 12 -16.17 -10.66 1.10
N LEU A 13 -15.96 -9.82 0.09
CA LEU A 13 -15.26 -10.22 -1.13
C LEU A 13 -13.83 -9.74 -1.06
N GLY A 14 -12.89 -10.69 -1.08
CA GLY A 14 -11.48 -10.42 -0.88
C GLY A 14 -11.06 -10.94 0.49
N ALA A 15 -9.87 -11.55 0.58
CA ALA A 15 -9.36 -12.10 1.82
C ALA A 15 -7.95 -11.60 2.13
N GLY A 16 -7.72 -10.33 1.83
CA GLY A 16 -6.49 -9.67 2.23
C GLY A 16 -6.60 -9.01 3.59
N LEU A 17 -5.63 -8.15 3.89
CA LEU A 17 -5.57 -7.49 5.19
C LEU A 17 -6.84 -6.70 5.56
N ALA A 18 -7.42 -5.99 4.62
CA ALA A 18 -8.61 -5.21 4.96
C ALA A 18 -9.75 -6.13 5.41
N SER A 19 -9.98 -7.18 4.63
CA SER A 19 -10.98 -8.18 4.95
C SER A 19 -10.74 -8.84 6.31
N VAL A 20 -9.52 -9.34 6.52
CA VAL A 20 -9.21 -10.03 7.78
C VAL A 20 -9.41 -9.08 8.96
N SER A 21 -8.94 -7.83 8.82
CA SER A 21 -9.07 -6.86 9.90
C SER A 21 -10.52 -6.54 10.19
N PHE A 22 -11.31 -6.42 9.13
CA PHE A 22 -12.74 -6.15 9.24
C PHE A 22 -13.46 -7.27 9.96
N VAL A 23 -13.25 -8.52 9.51
CA VAL A 23 -14.00 -9.61 10.15
C VAL A 23 -13.57 -9.87 11.59
N ALA A 24 -12.29 -9.69 11.90
CA ALA A 24 -11.84 -9.83 13.28
C ALA A 24 -12.51 -8.77 14.14
N GLU A 25 -12.63 -7.55 13.64
CA GLU A 25 -13.27 -6.51 14.43
C GLU A 25 -14.78 -6.74 14.60
N LEU A 26 -15.43 -7.30 13.59
CA LEU A 26 -16.84 -7.66 13.74
C LEU A 26 -17.00 -8.60 14.93
N ARG A 27 -16.16 -9.62 14.99
CA ARG A 27 -16.25 -10.60 16.07
C ARG A 27 -15.90 -9.97 17.41
N GLN A 28 -14.82 -9.18 17.46
CA GLN A 28 -14.41 -8.58 18.71
C GLN A 28 -15.45 -7.60 19.25
N ALA A 29 -16.16 -6.93 18.35
CA ALA A 29 -17.18 -5.95 18.71
C ALA A 29 -18.48 -6.60 19.15
N GLY A 30 -18.61 -7.90 18.91
CA GLY A 30 -19.75 -8.65 19.40
C GLY A 30 -20.75 -9.19 18.39
N TYR A 31 -20.52 -9.00 17.09
CA TYR A 31 -21.41 -9.56 16.09
C TYR A 31 -21.22 -11.06 16.03
N GLN A 32 -22.33 -11.80 16.12
CA GLN A 32 -22.29 -13.25 16.24
C GLN A 32 -22.97 -13.98 15.08
N GLY A 33 -23.42 -13.22 14.07
CA GLY A 33 -24.06 -13.83 12.92
C GLY A 33 -23.06 -14.40 11.93
N LEU A 34 -23.58 -14.93 10.83
CA LEU A 34 -22.73 -15.55 9.82
C LEU A 34 -21.78 -14.55 9.20
N ILE A 35 -20.55 -15.00 8.97
CA ILE A 35 -19.58 -14.27 8.18
C ILE A 35 -18.95 -15.24 7.19
N THR A 36 -19.01 -14.90 5.91
CA THR A 36 -18.36 -15.68 4.87
C THR A 36 -17.46 -14.78 4.06
N VAL A 37 -16.22 -15.21 3.83
CA VAL A 37 -15.24 -14.44 3.07
C VAL A 37 -14.88 -15.20 1.80
N VAL A 38 -14.90 -14.52 0.66
CA VAL A 38 -14.56 -15.12 -0.62
C VAL A 38 -13.21 -14.58 -1.07
N GLY A 39 -12.21 -15.44 -1.25
CA GLY A 39 -10.89 -14.97 -1.63
C GLY A 39 -10.38 -15.71 -2.85
N ASP A 40 -10.02 -14.96 -3.89
CA ASP A 40 -9.66 -15.61 -5.15
C ASP A 40 -8.32 -16.35 -5.12
N GLU A 41 -7.41 -15.91 -4.26
CA GLU A 41 -6.14 -16.62 -4.15
C GLU A 41 -6.31 -17.86 -3.30
N ALA A 42 -5.75 -18.98 -3.75
CA ALA A 42 -5.77 -20.20 -2.98
C ALA A 42 -4.57 -20.19 -2.02
N GLU A 43 -4.63 -19.29 -1.05
CA GLU A 43 -3.56 -19.11 -0.07
C GLU A 43 -4.14 -18.74 1.26
N ARG A 44 -3.61 -19.33 2.32
CA ARG A 44 -3.92 -18.89 3.67
CA ARG A 44 -3.92 -18.89 3.67
C ARG A 44 -3.65 -17.40 3.69
N PRO A 45 -4.63 -16.60 4.15
CA PRO A 45 -4.48 -15.14 4.09
C PRO A 45 -3.12 -14.66 4.61
N TYR A 46 -2.52 -13.74 3.88
CA TYR A 46 -1.15 -13.34 4.12
C TYR A 46 -0.96 -11.85 3.93
N ASP A 47 0.11 -11.34 4.53
CA ASP A 47 0.43 -9.92 4.45
C ASP A 47 1.38 -9.68 3.27
N ARG A 48 1.19 -8.56 2.59
CA ARG A 48 1.99 -8.22 1.42
C ARG A 48 3.33 -7.51 1.66
N PRO A 49 3.42 -6.63 2.69
CA PRO A 49 4.74 -5.95 2.85
C PRO A 49 5.98 -6.87 2.88
N PRO A 50 5.88 -8.09 3.45
CA PRO A 50 7.11 -8.89 3.43
C PRO A 50 7.57 -9.31 2.03
N LEU A 51 6.69 -9.25 1.04
CA LEU A 51 6.99 -9.80 -0.30
C LEU A 51 8.14 -9.11 -1.02
N SER A 52 8.40 -7.85 -0.69
CA SER A 52 9.52 -7.12 -1.30
C SER A 52 10.60 -6.91 -0.26
N LYS A 53 10.47 -7.58 0.87
CA LYS A 53 11.36 -7.42 2.01
C LYS A 53 11.90 -8.80 2.41
N ASP A 54 11.69 -9.22 3.66
CA ASP A 54 12.31 -10.45 4.13
C ASP A 54 11.86 -11.72 3.38
N PHE A 55 10.63 -11.73 2.85
CA PHE A 55 10.23 -12.91 2.08
C PHE A 55 11.03 -13.04 0.81
N MET A 56 11.21 -11.92 0.11
CA MET A 56 11.94 -11.92 -1.14
C MET A 56 13.36 -12.43 -0.88
N ALA A 57 13.85 -12.17 0.33
CA ALA A 57 15.19 -12.54 0.73
C ALA A 57 15.33 -13.95 1.33
N HIS A 58 14.28 -14.47 1.96
CA HIS A 58 14.37 -15.73 2.71
C HIS A 58 13.33 -16.80 2.37
N GLY A 59 12.23 -16.41 1.75
CA GLY A 59 11.31 -17.35 1.13
C GLY A 59 10.37 -18.19 1.97
N ASP A 60 10.19 -17.87 3.25
CA ASP A 60 9.31 -18.69 4.10
C ASP A 60 7.92 -18.05 4.23
N ALA A 61 6.96 -18.57 3.49
CA ALA A 61 5.61 -18.02 3.53
C ALA A 61 4.92 -18.23 4.87
N GLU A 62 5.42 -19.13 5.69
CA GLU A 62 4.75 -19.36 6.95
C GLU A 62 5.14 -18.31 7.99
N LYS A 63 5.96 -17.34 7.57
CA LYS A 63 6.26 -16.19 8.42
C LYS A 63 5.42 -14.97 8.07
N ILE A 64 4.59 -15.08 7.03
CA ILE A 64 3.88 -13.88 6.54
C ILE A 64 2.36 -14.01 6.57
N ARG A 65 1.85 -15.07 7.21
CA ARG A 65 0.41 -15.27 7.27
C ARG A 65 -0.23 -14.30 8.25
N LEU A 66 -1.47 -13.93 7.95
CA LEU A 66 -2.25 -13.09 8.85
C LEU A 66 -2.90 -13.93 9.93
N ASP A 67 -3.10 -13.33 11.09
CA ASP A 67 -3.72 -14.04 12.18
C ASP A 67 -5.24 -13.92 12.09
N CYS A 68 -5.89 -15.04 11.80
CA CYS A 68 -7.34 -15.06 11.70
C CYS A 68 -7.96 -15.60 12.99
N LYS A 69 -7.14 -15.71 14.04
CA LYS A 69 -7.58 -16.23 15.32
C LYS A 69 -8.62 -15.31 15.97
N ARG A 70 -8.42 -14.00 15.84
CA ARG A 70 -9.38 -13.03 16.35
C ARG A 70 -10.64 -12.97 15.50
N ALA A 71 -10.70 -13.84 14.48
CA ALA A 71 -11.90 -13.97 13.65
C ALA A 71 -12.48 -15.39 13.70
N PRO A 72 -12.97 -15.81 14.88
CA PRO A 72 -13.56 -17.15 14.95
C PRO A 72 -14.85 -17.28 14.15
N GLU A 73 -15.23 -18.51 13.81
CA GLU A 73 -16.52 -18.78 13.16
C GLU A 73 -16.66 -18.02 11.84
N VAL A 74 -15.61 -18.02 11.03
CA VAL A 74 -15.66 -17.44 9.70
C VAL A 74 -15.39 -18.53 8.69
N GLU A 75 -16.24 -18.65 7.67
CA GLU A 75 -15.93 -19.57 6.58
C GLU A 75 -15.18 -18.80 5.51
N TRP A 76 -13.95 -19.23 5.24
CA TRP A 76 -13.09 -18.64 4.22
C TRP A 76 -13.14 -19.49 2.96
N LEU A 77 -13.74 -18.96 1.90
CA LEU A 77 -13.79 -19.65 0.62
C LEU A 77 -12.59 -19.23 -0.21
N LEU A 78 -11.50 -19.95 -0.03
CA LEU A 78 -10.23 -19.65 -0.70
C LEU A 78 -10.17 -20.27 -2.09
N GLY A 79 -9.51 -19.58 -3.01
CA GLY A 79 -9.43 -20.08 -4.37
C GLY A 79 -10.72 -19.92 -5.16
N VAL A 80 -11.60 -19.03 -4.72
CA VAL A 80 -12.90 -18.82 -5.33
C VAL A 80 -13.04 -17.35 -5.71
N THR A 81 -13.54 -17.10 -6.92
CA THR A 81 -13.68 -15.73 -7.40
C THR A 81 -15.16 -15.31 -7.37
N ALA A 82 -15.46 -14.18 -6.75
CA ALA A 82 -16.79 -13.60 -6.89
C ALA A 82 -16.91 -12.99 -8.28
N GLN A 83 -17.92 -13.40 -9.04
CA GLN A 83 -18.03 -12.98 -10.45
C GLN A 83 -18.98 -11.81 -10.65
N SER A 84 -19.98 -11.71 -9.79
CA SER A 84 -20.92 -10.61 -9.81
C SER A 84 -21.69 -10.60 -8.51
N PHE A 85 -22.38 -9.49 -8.24
CA PHE A 85 -23.39 -9.50 -7.20
C PHE A 85 -24.64 -8.80 -7.69
N ASP A 86 -25.77 -9.19 -7.13
CA ASP A 86 -27.07 -8.62 -7.48
C ASP A 86 -27.57 -7.90 -6.23
N PRO A 87 -27.50 -6.56 -6.24
CA PRO A 87 -27.81 -5.81 -5.02
C PRO A 87 -29.31 -5.76 -4.70
N GLN A 88 -30.14 -6.10 -5.68
CA GLN A 88 -31.57 -6.21 -5.42
C GLN A 88 -31.92 -7.54 -4.77
N ALA A 89 -31.43 -8.61 -5.37
CA ALA A 89 -31.66 -9.96 -4.87
C ALA A 89 -30.83 -10.25 -3.62
N HIS A 90 -29.83 -9.40 -3.38
CA HIS A 90 -28.88 -9.58 -2.27
C HIS A 90 -28.16 -10.93 -2.35
N THR A 91 -27.53 -11.18 -3.50
CA THR A 91 -26.78 -12.41 -3.72
C THR A 91 -25.45 -12.13 -4.42
N VAL A 92 -24.51 -13.05 -4.21
CA VAL A 92 -23.22 -13.00 -4.89
C VAL A 92 -23.05 -14.31 -5.68
N ALA A 93 -22.65 -14.19 -6.94
CA ALA A 93 -22.39 -15.36 -7.78
C ALA A 93 -20.92 -15.73 -7.74
N LEU A 94 -20.62 -16.99 -7.41
CA LEU A 94 -19.23 -17.46 -7.32
C LEU A 94 -18.78 -18.30 -8.50
N SER A 95 -17.48 -18.31 -8.75
CA SER A 95 -16.87 -19.03 -9.85
C SER A 95 -17.03 -20.55 -9.76
N ASP A 96 -17.37 -21.05 -8.57
CA ASP A 96 -17.53 -22.50 -8.39
C ASP A 96 -18.97 -22.95 -8.59
N GLY A 97 -19.82 -22.02 -9.01
CA GLY A 97 -21.20 -22.35 -9.31
C GLY A 97 -22.18 -22.08 -8.19
N ARG A 98 -21.66 -21.77 -7.00
CA ARG A 98 -22.52 -21.46 -5.86
C ARG A 98 -22.93 -19.99 -5.80
N THR A 99 -23.97 -19.72 -5.04
CA THR A 99 -24.47 -18.38 -4.78
C THR A 99 -24.54 -18.14 -3.28
N LEU A 100 -24.08 -16.98 -2.83
CA LEU A 100 -24.18 -16.62 -1.42
C LEU A 100 -25.22 -15.53 -1.24
N PRO A 101 -26.11 -15.70 -0.26
CA PRO A 101 -26.99 -14.60 0.13
C PRO A 101 -26.26 -13.63 1.05
N TYR A 102 -26.67 -12.36 1.05
CA TYR A 102 -26.13 -11.44 2.03
C TYR A 102 -27.16 -10.48 2.57
N GLY A 103 -26.96 -10.08 3.82
CA GLY A 103 -27.63 -8.91 4.37
C GLY A 103 -26.74 -7.69 4.23
N THR A 104 -25.44 -7.88 4.44
CA THR A 104 -24.46 -6.81 4.29
C THR A 104 -23.33 -7.37 3.45
N LEU A 105 -22.97 -6.68 2.37
CA LEU A 105 -21.89 -7.09 1.47
C LEU A 105 -20.76 -6.10 1.62
N VAL A 106 -19.52 -6.62 1.71
CA VAL A 106 -18.35 -5.77 1.89
C VAL A 106 -17.33 -6.08 0.81
N LEU A 107 -16.98 -5.06 0.03
CA LEU A 107 -16.05 -5.20 -1.08
C LEU A 107 -14.65 -4.82 -0.62
N ALA A 108 -13.77 -5.81 -0.52
CA ALA A 108 -12.40 -5.59 -0.03
C ALA A 108 -11.43 -6.28 -0.97
N THR A 109 -11.55 -5.94 -2.25
CA THR A 109 -10.92 -6.66 -3.35
C THR A 109 -9.57 -6.08 -3.77
N GLY A 110 -9.13 -5.02 -3.08
CA GLY A 110 -7.79 -4.51 -3.29
C GLY A 110 -7.56 -3.87 -4.65
N ALA A 111 -6.33 -3.98 -5.14
CA ALA A 111 -5.92 -3.37 -6.39
C ALA A 111 -4.91 -4.28 -7.05
N ALA A 112 -4.70 -4.11 -8.36
CA ALA A 112 -3.76 -4.94 -9.11
C ALA A 112 -2.77 -4.03 -9.80
N PRO A 113 -1.54 -4.51 -10.00
CA PRO A 113 -0.54 -3.69 -10.69
C PRO A 113 -1.00 -3.28 -12.09
N ARG A 114 -0.73 -2.02 -12.44
CA ARG A 114 -0.94 -1.53 -13.79
C ARG A 114 0.06 -2.20 -14.72
N ALA A 115 -0.40 -2.64 -15.88
CA ALA A 115 0.49 -3.15 -16.91
C ALA A 115 1.08 -1.98 -17.70
N LEU A 116 2.25 -2.21 -18.27
CA LEU A 116 2.91 -1.21 -19.10
C LEU A 116 2.58 -1.54 -20.57
N PRO A 117 1.76 -0.70 -21.21
CA PRO A 117 1.30 -0.99 -22.57
C PRO A 117 2.42 -1.28 -23.57
N THR A 118 3.53 -0.54 -23.45
CA THR A 118 4.65 -0.72 -24.38
C THR A 118 5.38 -2.06 -24.23
N LEU A 119 5.10 -2.80 -23.15
CA LEU A 119 5.72 -4.10 -22.97
C LEU A 119 4.75 -5.26 -23.17
N GLN A 120 3.55 -4.96 -23.68
CA GLN A 120 2.52 -5.98 -23.87
C GLN A 120 2.98 -7.19 -24.69
N GLY A 121 3.64 -6.95 -25.81
CA GLY A 121 4.09 -8.04 -26.68
C GLY A 121 5.48 -8.55 -26.40
N ALA A 122 6.03 -8.22 -25.23
CA ALA A 122 7.40 -8.56 -24.89
C ALA A 122 7.71 -10.05 -24.96
N THR A 123 8.91 -10.38 -25.44
CA THR A 123 9.38 -11.76 -25.51
C THR A 123 10.56 -11.97 -24.56
N MET A 124 10.50 -11.30 -23.41
CA MET A 124 11.45 -11.48 -22.32
C MET A 124 10.62 -11.48 -21.04
N PRO A 125 11.19 -11.97 -19.92
CA PRO A 125 10.38 -12.01 -18.69
C PRO A 125 9.99 -10.61 -18.17
N VAL A 126 8.69 -10.37 -18.03
CA VAL A 126 8.19 -9.12 -17.51
C VAL A 126 7.17 -9.45 -16.43
N HIS A 127 7.47 -9.04 -15.20
CA HIS A 127 6.61 -9.38 -14.06
C HIS A 127 6.15 -8.15 -13.32
N THR A 128 5.11 -8.31 -12.52
CA THR A 128 4.73 -7.30 -11.54
C THR A 128 4.80 -7.97 -10.18
N LEU A 129 4.78 -7.18 -9.11
CA LEU A 129 4.97 -7.72 -7.77
C LEU A 129 3.82 -7.31 -6.85
N ARG A 130 2.83 -8.20 -6.74
CA ARG A 130 1.66 -7.96 -5.88
C ARG A 130 1.38 -9.17 -4.99
N THR A 131 1.47 -10.37 -5.55
CA THR A 131 1.03 -11.57 -4.82
C THR A 131 2.20 -12.46 -4.39
N LEU A 132 1.89 -13.44 -3.56
CA LEU A 132 2.87 -14.46 -3.17
C LEU A 132 3.36 -15.20 -4.41
N GLU A 133 2.46 -15.52 -5.34
CA GLU A 133 2.85 -16.15 -6.58
C GLU A 133 3.80 -15.26 -7.38
N ASP A 134 3.53 -13.95 -7.40
CA ASP A 134 4.43 -13.02 -8.10
C ASP A 134 5.82 -13.02 -7.48
N ALA A 135 5.87 -13.00 -6.15
CA ALA A 135 7.11 -12.90 -5.42
C ALA A 135 7.94 -14.16 -5.65
N ARG A 136 7.30 -15.31 -5.58
CA ARG A 136 8.00 -16.58 -5.83
C ARG A 136 8.57 -16.62 -7.26
N ARG A 137 7.80 -16.11 -8.21
CA ARG A 137 8.24 -16.08 -9.61
C ARG A 137 9.46 -15.17 -9.81
N ILE A 138 9.40 -13.96 -9.24
CA ILE A 138 10.51 -13.02 -9.32
C ILE A 138 11.75 -13.57 -8.61
N GLN A 139 11.56 -14.08 -7.40
CA GLN A 139 12.65 -14.62 -6.60
C GLN A 139 13.38 -15.74 -7.35
N ALA A 140 12.61 -16.59 -8.04
CA ALA A 140 13.19 -17.69 -8.80
C ALA A 140 14.14 -17.20 -9.88
N GLY A 141 13.99 -15.93 -10.27
CA GLY A 141 14.84 -15.33 -11.30
C GLY A 141 15.93 -14.40 -10.81
N LEU A 142 16.01 -14.15 -9.51
CA LEU A 142 17.05 -13.26 -8.97
C LEU A 142 18.40 -13.97 -8.84
N ARG A 143 18.92 -14.43 -9.98
CA ARG A 143 20.20 -15.11 -10.03
C ARG A 143 21.32 -14.11 -9.79
N PRO A 144 22.31 -14.46 -8.93
CA PRO A 144 23.45 -13.55 -8.73
C PRO A 144 24.12 -13.22 -10.06
N GLN A 145 24.49 -11.95 -10.21
CA GLN A 145 25.11 -11.41 -11.44
C GLN A 145 24.16 -11.29 -12.64
N SER A 146 22.89 -11.60 -12.45
CA SER A 146 21.92 -11.35 -13.51
C SER A 146 21.55 -9.87 -13.50
N ARG A 147 20.83 -9.43 -14.52
CA ARG A 147 20.47 -8.03 -14.64
C ARG A 147 18.96 -7.82 -14.53
N LEU A 148 18.56 -6.97 -13.58
CA LEU A 148 17.17 -6.65 -13.37
C LEU A 148 16.89 -5.19 -13.74
N LEU A 149 15.83 -4.95 -14.50
CA LEU A 149 15.36 -3.61 -14.76
C LEU A 149 14.05 -3.41 -14.03
N ILE A 150 13.99 -2.36 -13.22
CA ILE A 150 12.76 -1.96 -12.57
C ILE A 150 12.16 -0.75 -13.28
N VAL A 151 10.87 -0.81 -13.60
CA VAL A 151 10.20 0.32 -14.23
C VAL A 151 9.27 0.96 -13.20
N GLY A 152 9.51 2.23 -12.91
CA GLY A 152 8.74 2.94 -11.90
C GLY A 152 9.62 3.38 -10.75
N GLY A 153 9.24 4.49 -10.12
CA GLY A 153 10.02 5.05 -9.03
C GLY A 153 9.43 4.85 -7.65
N GLY A 154 8.38 4.04 -7.55
CA GLY A 154 7.70 3.82 -6.28
C GLY A 154 8.45 2.95 -5.27
N VAL A 155 7.94 2.95 -4.04
CA VAL A 155 8.63 2.24 -2.94
C VAL A 155 8.81 0.74 -3.13
N ILE A 156 7.81 0.05 -3.68
CA ILE A 156 7.90 -1.41 -3.82
C ILE A 156 9.06 -1.77 -4.73
N GLY A 157 9.19 -1.06 -5.85
CA GLY A 157 10.30 -1.32 -6.75
C GLY A 157 11.65 -1.03 -6.11
N LEU A 158 11.69 0.00 -5.26
CA LEU A 158 12.93 0.35 -4.57
C LEU A 158 13.28 -0.67 -3.50
N GLU A 159 12.26 -1.22 -2.85
CA GLU A 159 12.46 -2.29 -1.91
C GLU A 159 13.00 -3.53 -2.62
N LEU A 160 12.43 -3.83 -3.79
CA LEU A 160 12.93 -4.93 -4.62
C LEU A 160 14.36 -4.64 -5.06
N ALA A 161 14.63 -3.39 -5.46
CA ALA A 161 15.99 -3.01 -5.87
C ALA A 161 17.01 -3.32 -4.77
N ALA A 162 16.70 -2.90 -3.55
CA ALA A 162 17.59 -3.13 -2.42
C ALA A 162 17.78 -4.62 -2.14
N THR A 163 16.68 -5.37 -2.18
CA THR A 163 16.74 -6.81 -1.97
C THR A 163 17.59 -7.48 -3.05
N ALA A 164 17.41 -7.06 -4.30
CA ALA A 164 18.17 -7.62 -5.40
C ALA A 164 19.66 -7.33 -5.28
N ARG A 165 20.01 -6.08 -4.95
CA ARG A 165 21.41 -5.70 -4.77
C ARG A 165 22.08 -6.51 -3.66
N THR A 166 21.35 -6.75 -2.57
CA THR A 166 21.86 -7.57 -1.47
C THR A 166 22.09 -9.01 -1.94
N ALA A 167 21.31 -9.44 -2.93
CA ALA A 167 21.41 -10.79 -3.48
C ALA A 167 22.45 -10.92 -4.60
N GLY A 168 23.12 -9.81 -4.92
CA GLY A 168 24.15 -9.82 -5.95
C GLY A 168 23.63 -9.60 -7.36
N VAL A 169 22.41 -9.08 -7.46
CA VAL A 169 21.79 -8.82 -8.74
C VAL A 169 22.08 -7.39 -9.19
N HIS A 170 22.46 -7.23 -10.45
CA HIS A 170 22.66 -5.91 -11.01
C HIS A 170 21.30 -5.26 -11.25
N VAL A 171 21.14 -4.00 -10.86
CA VAL A 171 19.84 -3.35 -10.95
C VAL A 171 19.89 -2.01 -11.66
N SER A 172 19.05 -1.88 -12.68
CA SER A 172 18.81 -0.60 -13.33
CA SER A 172 18.81 -0.58 -13.32
C SER A 172 17.36 -0.20 -13.04
N LEU A 173 17.08 1.09 -13.07
CA LEU A 173 15.74 1.57 -12.76
C LEU A 173 15.40 2.76 -13.66
N VAL A 174 14.23 2.70 -14.26
CA VAL A 174 13.74 3.78 -15.13
C VAL A 174 12.49 4.39 -14.53
N ALA A 175 12.48 5.71 -14.35
CA ALA A 175 11.33 6.40 -13.81
C ALA A 175 10.99 7.58 -14.72
N ARG A 176 9.70 7.75 -15.01
CA ARG A 176 9.28 8.80 -15.94
C ARG A 176 9.38 10.20 -15.36
N GLY A 177 9.34 10.31 -14.03
CA GLY A 177 9.46 11.60 -13.37
C GLY A 177 10.90 11.94 -13.04
N PRO A 178 11.13 13.15 -12.50
CA PRO A 178 12.51 13.57 -12.18
C PRO A 178 13.01 13.06 -10.83
N ARG A 179 12.14 12.41 -10.06
CA ARG A 179 12.51 11.94 -8.73
C ARG A 179 11.83 10.61 -8.41
N LEU A 180 12.38 9.89 -7.44
CA LEU A 180 11.73 8.68 -6.92
C LEU A 180 10.55 9.05 -6.00
N MET A 181 9.69 8.06 -5.75
CA MET A 181 8.64 8.22 -4.74
C MET A 181 7.83 9.51 -4.90
N SER A 182 7.37 9.76 -6.13
CA SER A 182 6.64 10.98 -6.45
C SER A 182 5.34 11.08 -5.65
N ARG A 183 4.79 9.93 -5.26
CA ARG A 183 3.56 9.88 -4.48
C ARG A 183 3.85 9.92 -2.97
N ALA A 184 3.25 10.89 -2.28
CA ALA A 184 3.32 11.00 -0.82
C ALA A 184 4.71 10.80 -0.20
N ALA A 185 5.73 11.43 -0.78
CA ALA A 185 7.04 11.48 -0.14
C ALA A 185 7.62 12.86 -0.34
N PRO A 186 8.13 13.47 0.75
CA PRO A 186 8.75 14.79 0.60
C PRO A 186 9.95 14.72 -0.36
N ALA A 187 10.14 15.78 -1.13
CA ALA A 187 11.26 15.83 -2.06
C ALA A 187 12.62 15.61 -1.38
N THR A 188 12.78 16.15 -0.18
CA THR A 188 14.03 15.98 0.57
C THR A 188 14.31 14.50 0.80
N LEU A 189 13.26 13.75 1.14
CA LEU A 189 13.41 12.31 1.33
C LEU A 189 13.72 11.61 0.00
N ALA A 190 12.95 11.92 -1.03
CA ALA A 190 13.14 11.31 -2.34
C ALA A 190 14.55 11.52 -2.89
N ASP A 191 15.10 12.73 -2.73
CA ASP A 191 16.44 13.03 -3.20
C ASP A 191 17.48 12.20 -2.46
N PHE A 192 17.32 12.09 -1.14
CA PHE A 192 18.24 11.31 -0.34
C PHE A 192 18.17 9.83 -0.71
N VAL A 193 16.93 9.35 -0.93
CA VAL A 193 16.76 7.95 -1.27
C VAL A 193 17.44 7.60 -2.60
N ALA A 194 17.38 8.51 -3.57
CA ALA A 194 18.09 8.28 -4.83
C ALA A 194 19.61 8.21 -4.60
N ARG A 195 20.13 9.13 -3.79
CA ARG A 195 21.56 9.12 -3.47
C ARG A 195 21.96 7.79 -2.82
N TYR A 196 21.11 7.29 -1.93
CA TYR A 196 21.38 6.01 -1.27
C TYR A 196 21.45 4.87 -2.28
N HIS A 197 20.44 4.75 -3.13
CA HIS A 197 20.39 3.65 -4.08
C HIS A 197 21.53 3.70 -5.10
N ALA A 198 21.82 4.90 -5.59
CA ALA A 198 22.96 5.10 -6.47
C ALA A 198 24.27 4.66 -5.80
N ALA A 199 24.43 4.98 -4.52
CA ALA A 199 25.63 4.57 -3.78
C ALA A 199 25.73 3.06 -3.62
N GLN A 200 24.59 2.37 -3.67
CA GLN A 200 24.58 0.92 -3.54
C GLN A 200 24.64 0.23 -4.91
N GLY A 201 24.80 1.02 -5.97
CA GLY A 201 25.07 0.45 -7.28
C GLY A 201 23.87 0.36 -8.21
N VAL A 202 22.74 0.94 -7.81
CA VAL A 202 21.58 0.99 -8.69
C VAL A 202 21.83 2.01 -9.80
N ASP A 203 21.59 1.60 -11.04
CA ASP A 203 21.73 2.47 -12.20
C ASP A 203 20.40 3.19 -12.43
N LEU A 204 20.30 4.41 -11.93
CA LEU A 204 19.06 5.19 -11.99
C LEU A 204 18.92 6.03 -13.24
N ARG A 205 17.77 5.94 -13.91
CA ARG A 205 17.48 6.73 -15.10
C ARG A 205 16.20 7.51 -14.91
N PHE A 206 16.32 8.80 -14.60
CA PHE A 206 15.16 9.64 -14.41
C PHE A 206 14.68 10.30 -15.71
N GLU A 207 13.42 10.71 -15.72
CA GLU A 207 12.78 11.32 -16.87
C GLU A 207 12.93 10.48 -18.14
N ARG A 208 12.80 9.17 -18.00
CA ARG A 208 12.71 8.27 -19.15
C ARG A 208 11.51 7.36 -19.06
N SER A 209 10.96 7.02 -20.22
CA SER A 209 9.85 6.08 -20.33
C SER A 209 10.23 4.93 -21.25
N VAL A 210 9.65 3.78 -21.00
CA VAL A 210 9.86 2.61 -21.84
C VAL A 210 8.98 2.70 -23.09
N THR A 211 9.61 2.56 -24.26
CA THR A 211 8.88 2.64 -25.52
C THR A 211 8.62 1.27 -26.13
N GLY A 212 9.30 0.24 -25.61
CA GLY A 212 9.11 -1.10 -26.14
C GLY A 212 10.26 -2.01 -25.75
N SER A 213 10.37 -3.15 -26.44
CA SER A 213 11.45 -4.09 -26.22
C SER A 213 11.65 -5.00 -27.43
N VAL A 214 12.89 -5.44 -27.63
CA VAL A 214 13.24 -6.35 -28.72
C VAL A 214 14.31 -7.33 -28.24
N ASP A 215 14.05 -8.63 -28.42
CA ASP A 215 15.01 -9.71 -28.13
C ASP A 215 15.84 -9.53 -26.85
N GLY A 216 15.16 -9.33 -25.72
CA GLY A 216 15.82 -9.25 -24.43
C GLY A 216 16.33 -7.87 -24.05
N VAL A 217 16.00 -6.86 -24.86
CA VAL A 217 16.46 -5.51 -24.61
C VAL A 217 15.30 -4.51 -24.56
N VAL A 218 15.30 -3.66 -23.54
CA VAL A 218 14.25 -2.68 -23.36
C VAL A 218 14.62 -1.35 -24.03
N LEU A 219 13.65 -0.72 -24.68
CA LEU A 219 13.87 0.54 -25.41
C LEU A 219 13.32 1.72 -24.63
N LEU A 220 14.04 2.83 -24.65
CA LEU A 220 13.64 4.04 -23.93
C LEU A 220 13.33 5.20 -24.87
N ASP A 221 12.63 6.21 -24.36
CA ASP A 221 12.18 7.32 -25.19
C ASP A 221 13.25 8.37 -25.47
N ASP A 222 14.47 8.15 -24.98
CA ASP A 222 15.61 8.97 -25.37
C ASP A 222 16.39 8.27 -26.49
N GLY A 223 15.79 7.22 -27.05
CA GLY A 223 16.39 6.50 -28.16
C GLY A 223 17.46 5.51 -27.74
N THR A 224 17.53 5.20 -26.46
CA THR A 224 18.57 4.29 -25.99
C THR A 224 17.99 2.94 -25.55
N ARG A 225 18.87 2.07 -25.07
CA ARG A 225 18.55 0.67 -24.76
C ARG A 225 19.06 0.26 -23.39
N ILE A 226 18.35 -0.67 -22.75
CA ILE A 226 18.81 -1.29 -21.52
C ILE A 226 18.60 -2.79 -21.62
N ALA A 227 19.67 -3.56 -21.65
CA ALA A 227 19.55 -5.01 -21.65
C ALA A 227 19.27 -5.52 -20.25
N ALA A 228 18.41 -6.52 -20.13
CA ALA A 228 18.10 -7.09 -18.83
C ALA A 228 17.63 -8.53 -18.98
N ASP A 229 17.79 -9.30 -17.92
CA ASP A 229 17.32 -10.69 -17.90
C ASP A 229 15.87 -10.77 -17.42
N MET A 230 15.41 -9.72 -16.74
CA MET A 230 14.07 -9.66 -16.18
C MET A 230 13.68 -8.20 -16.00
N VAL A 231 12.41 -7.89 -16.30
CA VAL A 231 11.83 -6.57 -16.03
C VAL A 231 10.78 -6.76 -14.95
N VAL A 232 10.79 -5.90 -13.94
CA VAL A 232 9.68 -5.85 -12.98
C VAL A 232 9.04 -4.48 -13.07
N VAL A 233 7.77 -4.47 -13.45
CA VAL A 233 7.02 -3.25 -13.67
C VAL A 233 6.34 -2.88 -12.36
N GLY A 234 6.56 -1.65 -11.90
CA GLY A 234 5.90 -1.15 -10.71
C GLY A 234 5.56 0.31 -10.89
N ILE A 235 4.58 0.57 -11.76
CA ILE A 235 4.16 1.93 -12.07
C ILE A 235 2.83 2.27 -11.41
N GLY A 236 2.48 1.53 -10.37
CA GLY A 236 1.26 1.80 -9.63
C GLY A 236 0.25 0.70 -9.79
N VAL A 237 -0.90 0.87 -9.14
CA VAL A 237 -1.95 -0.14 -9.15
C VAL A 237 -3.27 0.47 -9.58
N LEU A 238 -4.20 -0.40 -9.97
CA LEU A 238 -5.55 0.01 -10.34
C LEU A 238 -6.53 -0.73 -9.45
N ALA A 239 -7.52 -0.03 -8.93
CA ALA A 239 -8.49 -0.65 -8.02
C ALA A 239 -9.22 -1.80 -8.70
N ASN A 240 -9.42 -2.88 -7.95
CA ASN A 240 -10.19 -4.01 -8.41
C ASN A 240 -11.67 -3.75 -8.18
N ASP A 241 -12.24 -2.82 -8.95
CA ASP A 241 -13.61 -2.38 -8.70
C ASP A 241 -14.61 -2.85 -9.75
N ALA A 242 -14.26 -3.88 -10.51
CA ALA A 242 -15.13 -4.34 -11.61
C ALA A 242 -16.52 -4.78 -11.15
N LEU A 243 -16.62 -5.51 -10.04
CA LEU A 243 -17.93 -5.98 -9.60
C LEU A 243 -18.80 -4.79 -9.18
N ALA A 244 -18.18 -3.80 -8.56
CA ALA A 244 -18.87 -2.58 -8.16
C ALA A 244 -19.35 -1.81 -9.38
N ARG A 245 -18.50 -1.68 -10.39
CA ARG A 245 -18.88 -0.95 -11.59
C ARG A 245 -20.07 -1.62 -12.27
N ALA A 246 -20.01 -2.94 -12.40
CA ALA A 246 -21.06 -3.67 -13.09
C ALA A 246 -22.39 -3.62 -12.35
N ALA A 247 -22.33 -3.53 -11.02
CA ALA A 247 -23.53 -3.51 -10.20
C ALA A 247 -24.12 -2.11 -10.03
N GLY A 248 -23.45 -1.10 -10.58
CA GLY A 248 -23.99 0.25 -10.58
C GLY A 248 -23.55 1.16 -9.45
N LEU A 249 -22.48 0.82 -8.76
CA LEU A 249 -21.95 1.68 -7.71
C LEU A 249 -21.09 2.79 -8.30
N ALA A 250 -20.98 3.90 -7.59
CA ALA A 250 -20.10 4.99 -8.01
C ALA A 250 -18.63 4.59 -7.85
N CYS A 251 -17.89 4.64 -8.95
CA CYS A 251 -16.49 4.20 -8.98
C CYS A 251 -15.70 5.00 -9.98
N ASP A 252 -14.42 5.20 -9.70
CA ASP A 252 -13.53 5.84 -10.64
C ASP A 252 -12.12 5.46 -10.23
N ASP A 253 -11.64 4.35 -10.77
CA ASP A 253 -10.41 3.72 -10.28
C ASP A 253 -10.47 3.65 -8.76
N GLY A 254 -11.50 2.99 -8.26
CA GLY A 254 -11.74 2.93 -6.83
C GLY A 254 -13.19 3.21 -6.53
N ILE A 255 -13.71 2.49 -5.54
CA ILE A 255 -15.09 2.61 -5.13
C ILE A 255 -15.21 3.75 -4.15
N PHE A 256 -16.06 4.73 -4.45
CA PHE A 256 -16.22 5.85 -3.53
C PHE A 256 -16.93 5.42 -2.25
N VAL A 257 -16.32 5.73 -1.11
CA VAL A 257 -16.96 5.46 0.16
C VAL A 257 -16.87 6.66 1.09
N ASP A 258 -17.81 6.74 2.01
CA ASP A 258 -17.76 7.74 3.06
C ASP A 258 -17.01 7.17 4.27
N ALA A 259 -17.03 7.87 5.40
CA ALA A 259 -16.25 7.46 6.57
C ALA A 259 -16.85 6.26 7.26
N TYR A 260 -18.04 5.84 6.84
CA TYR A 260 -18.65 4.64 7.41
C TYR A 260 -18.39 3.44 6.51
N GLY A 261 -17.66 3.68 5.42
CA GLY A 261 -17.39 2.64 4.43
C GLY A 261 -18.53 2.39 3.46
N ARG A 262 -19.55 3.24 3.47
CA ARG A 262 -20.71 3.04 2.62
C ARG A 262 -20.40 3.41 1.17
N THR A 263 -20.81 2.53 0.26
CA THR A 263 -20.83 2.83 -1.17
C THR A 263 -22.15 3.53 -1.51
N THR A 264 -22.35 3.82 -2.79
CA THR A 264 -23.64 4.42 -3.17
C THR A 264 -24.77 3.40 -3.24
N CYS A 265 -24.48 2.12 -3.06
CA CYS A 265 -25.50 1.09 -3.08
C CYS A 265 -25.83 0.68 -1.64
N PRO A 266 -27.09 0.84 -1.23
CA PRO A 266 -27.42 0.44 0.15
C PRO A 266 -27.06 -1.01 0.43
N ASP A 267 -26.56 -1.24 1.65
CA ASP A 267 -26.15 -2.56 2.17
C ASP A 267 -24.83 -3.05 1.58
N VAL A 268 -24.17 -2.19 0.81
CA VAL A 268 -22.85 -2.53 0.25
C VAL A 268 -21.82 -1.52 0.72
N TYR A 269 -20.75 -2.05 1.31
CA TYR A 269 -19.66 -1.28 1.89
C TYR A 269 -18.40 -1.64 1.13
N ALA A 270 -17.35 -0.84 1.28
CA ALA A 270 -16.05 -1.18 0.69
C ALA A 270 -14.90 -0.71 1.57
N LEU A 271 -13.77 -1.43 1.51
CA LEU A 271 -12.63 -1.18 2.40
C LEU A 271 -11.33 -1.34 1.70
N GLY A 272 -10.32 -0.61 2.17
CA GLY A 272 -8.94 -0.91 1.80
C GLY A 272 -8.51 -0.32 0.48
N ASP A 273 -7.58 -1.00 -0.19
CA ASP A 273 -6.99 -0.52 -1.43
C ASP A 273 -8.03 -0.26 -2.54
N VAL A 274 -9.18 -0.91 -2.46
CA VAL A 274 -10.17 -0.75 -3.53
C VAL A 274 -10.93 0.56 -3.41
N THR A 275 -10.81 1.26 -2.28
CA THR A 275 -11.64 2.46 -2.06
C THR A 275 -10.98 3.78 -2.45
N ARG A 276 -11.84 4.73 -2.81
CA ARG A 276 -11.44 6.12 -2.97
C ARG A 276 -12.18 6.83 -1.84
N GLN A 277 -11.44 7.55 -1.01
CA GLN A 277 -12.00 8.05 0.25
C GLN A 277 -11.36 9.37 0.64
N ARG A 278 -11.96 10.04 1.62
CA ARG A 278 -11.46 11.34 2.04
C ARG A 278 -10.17 11.22 2.84
N ASN A 279 -9.16 11.98 2.42
CA ASN A 279 -7.95 12.21 3.19
C ASN A 279 -8.23 13.44 4.04
N PRO A 280 -8.32 13.27 5.37
CA PRO A 280 -8.71 14.41 6.22
C PRO A 280 -7.70 15.56 6.18
N LEU A 281 -6.42 15.27 5.92
CA LEU A 281 -5.42 16.34 5.86
C LEU A 281 -5.57 17.23 4.63
N SER A 282 -5.81 16.63 3.47
CA SER A 282 -6.00 17.41 2.25
C SER A 282 -7.46 17.80 2.07
N GLY A 283 -8.36 17.04 2.67
CA GLY A 283 -9.79 17.25 2.48
C GLY A 283 -10.25 16.83 1.09
N ARG A 284 -9.43 16.06 0.39
CA ARG A 284 -9.73 15.58 -0.95
C ARG A 284 -9.88 14.08 -0.93
N PHE A 285 -10.65 13.56 -1.89
CA PHE A 285 -10.73 12.11 -2.06
C PHE A 285 -9.49 11.57 -2.76
N GLU A 286 -9.01 10.44 -2.26
CA GLU A 286 -7.87 9.78 -2.88
CA GLU A 286 -7.81 9.80 -2.78
C GLU A 286 -7.95 8.28 -2.63
N ARG A 287 -7.25 7.53 -3.46
CA ARG A 287 -7.17 6.10 -3.20
C ARG A 287 -5.89 5.91 -2.39
N ILE A 288 -6.06 5.52 -1.13
CA ILE A 288 -4.95 5.34 -0.22
C ILE A 288 -4.47 3.90 -0.46
N GLU A 289 -3.16 3.71 -0.46
CA GLU A 289 -2.62 2.43 -0.88
C GLU A 289 -1.72 1.83 0.19
N THR A 290 -2.12 1.95 1.45
CA THR A 290 -1.25 1.58 2.56
C THR A 290 -1.80 0.47 3.43
N TRP A 291 -0.87 -0.25 4.04
CA TRP A 291 -1.18 -1.27 5.03
C TRP A 291 -2.02 -0.69 6.17
N SER A 292 -1.61 0.47 6.69
CA SER A 292 -2.32 1.04 7.83
C SER A 292 -3.74 1.41 7.45
N ASN A 293 -3.95 1.90 6.24
CA ASN A 293 -5.32 2.14 5.84
C ASN A 293 -6.17 0.87 5.76
N ALA A 294 -5.61 -0.17 5.16
CA ALA A 294 -6.34 -1.43 5.04
C ALA A 294 -6.76 -1.94 6.41
N GLN A 295 -5.82 -1.97 7.37
CA GLN A 295 -6.16 -2.41 8.71
C GLN A 295 -7.11 -1.45 9.41
N ASN A 296 -6.79 -0.17 9.40
CA ASN A 296 -7.50 0.79 10.24
C ASN A 296 -8.90 1.08 9.72
N GLN A 297 -9.01 1.17 8.40
CA GLN A 297 -10.31 1.40 7.79
C GLN A 297 -11.20 0.19 7.96
N GLY A 298 -10.62 -1.01 7.81
CA GLY A 298 -11.40 -2.21 8.05
C GLY A 298 -11.95 -2.25 9.46
N ILE A 299 -11.09 -1.96 10.44
CA ILE A 299 -11.52 -1.97 11.84
C ILE A 299 -12.60 -0.92 12.09
N ALA A 300 -12.39 0.30 11.60
CA ALA A 300 -13.35 1.38 11.87
C ALA A 300 -14.72 1.11 11.26
N VAL A 301 -14.73 0.59 10.03
CA VAL A 301 -16.00 0.29 9.37
C VAL A 301 -16.75 -0.83 10.09
N ALA A 302 -16.03 -1.87 10.51
CA ALA A 302 -16.65 -2.92 11.30
C ALA A 302 -17.20 -2.41 12.62
N ARG A 303 -16.42 -1.61 13.33
CA ARG A 303 -16.83 -1.10 14.64
C ARG A 303 -18.13 -0.33 14.53
N HIS A 304 -18.23 0.50 13.50
CA HIS A 304 -19.42 1.33 13.31
C HIS A 304 -20.63 0.54 12.82
N LEU A 305 -20.39 -0.56 12.11
CA LEU A 305 -21.50 -1.43 11.72
C LEU A 305 -22.13 -2.10 12.94
N VAL A 306 -21.30 -2.54 13.89
CA VAL A 306 -21.80 -3.21 15.09
C VAL A 306 -22.35 -2.19 16.09
N ASP A 307 -21.66 -1.06 16.19
CA ASP A 307 -22.05 0.03 17.08
C ASP A 307 -22.19 1.33 16.30
N PRO A 308 -23.41 1.64 15.84
CA PRO A 308 -23.62 2.86 15.05
C PRO A 308 -23.31 4.17 15.79
N THR A 309 -23.10 4.12 17.10
CA THR A 309 -22.72 5.33 17.83
C THR A 309 -21.22 5.62 17.73
N ALA A 310 -20.47 4.63 17.27
CA ALA A 310 -19.04 4.82 17.07
C ALA A 310 -18.79 5.84 15.98
N PRO A 311 -17.66 6.56 16.05
CA PRO A 311 -17.35 7.52 14.99
C PRO A 311 -16.97 6.80 13.71
N GLY A 312 -16.97 7.52 12.60
CA GLY A 312 -16.53 6.96 11.34
C GLY A 312 -15.02 6.85 11.33
N TYR A 313 -14.47 6.30 10.25
CA TYR A 313 -13.03 6.24 10.07
C TYR A 313 -12.44 7.65 10.10
N ALA A 314 -11.38 7.83 10.89
CA ALA A 314 -10.82 9.16 11.09
C ALA A 314 -9.30 9.19 11.18
N GLU A 315 -8.65 8.04 11.00
CA GLU A 315 -7.20 7.96 11.16
C GLU A 315 -6.51 8.71 10.03
N LEU A 316 -5.36 9.31 10.33
CA LEU A 316 -4.59 10.01 9.31
C LEU A 316 -3.60 9.04 8.65
N PRO A 317 -3.26 9.31 7.38
CA PRO A 317 -2.46 8.36 6.61
C PRO A 317 -1.00 8.29 7.05
N TRP A 318 -0.41 7.10 6.91
CA TRP A 318 1.03 6.92 7.10
C TRP A 318 1.44 5.60 6.50
N TYR A 319 2.71 5.46 6.20
CA TYR A 319 3.26 4.19 5.75
C TYR A 319 4.72 4.11 6.15
N TRP A 320 5.32 2.96 5.86
CA TRP A 320 6.74 2.78 6.04
C TRP A 320 7.28 2.04 4.81
N SER A 321 8.61 2.07 4.66
CA SER A 321 9.28 1.33 3.60
C SER A 321 10.65 0.91 4.11
N ASP A 322 11.03 -0.33 3.85
CA ASP A 322 12.35 -0.85 4.24
C ASP A 322 13.19 -1.03 2.99
N GLN A 323 14.19 -0.16 2.82
CA GLN A 323 15.04 -0.20 1.63
C GLN A 323 16.48 -0.34 2.05
N GLY A 324 16.95 -1.59 2.10
CA GLY A 324 18.30 -1.86 2.57
C GLY A 324 18.53 -1.29 3.96
N ALA A 325 19.52 -0.41 4.08
CA ALA A 325 19.86 0.20 5.37
C ALA A 325 18.90 1.32 5.80
N LEU A 326 17.93 1.65 4.95
CA LEU A 326 16.99 2.72 5.26
C LEU A 326 15.66 2.21 5.78
N ARG A 327 15.36 2.52 7.03
CA ARG A 327 14.05 2.25 7.58
C ARG A 327 13.27 3.55 7.54
N ILE A 328 12.41 3.66 6.52
CA ILE A 328 11.70 4.90 6.21
C ILE A 328 10.28 4.88 6.78
N GLN A 329 9.87 5.96 7.44
CA GLN A 329 8.50 6.10 7.90
C GLN A 329 7.99 7.47 7.46
N VAL A 330 6.79 7.52 6.88
CA VAL A 330 6.24 8.78 6.39
C VAL A 330 4.79 8.92 6.83
N ALA A 331 4.44 10.05 7.41
CA ALA A 331 3.07 10.29 7.83
C ALA A 331 2.52 11.57 7.22
N GLY A 332 1.21 11.61 7.01
CA GLY A 332 0.54 12.82 6.57
C GLY A 332 0.87 13.28 5.16
N LEU A 333 0.97 14.60 5.00
CA LEU A 333 1.22 15.18 3.69
C LEU A 333 2.71 15.31 3.40
N ALA A 334 3.07 15.19 2.14
CA ALA A 334 4.47 15.28 1.70
C ALA A 334 5.01 16.69 1.85
N SER A 335 4.14 17.68 1.79
CA SER A 335 4.60 19.07 1.83
C SER A 335 3.55 20.02 2.43
N GLY A 336 4.02 21.18 2.86
CA GLY A 336 3.15 22.26 3.32
C GLY A 336 3.79 23.56 2.87
N ASP A 337 3.88 24.53 3.76
CA ASP A 337 4.58 25.77 3.44
C ASP A 337 5.94 25.86 4.14
N GLU A 338 6.31 24.80 4.85
CA GLU A 338 7.55 24.78 5.60
C GLU A 338 8.01 23.36 5.89
N GLU A 339 9.29 23.10 5.70
CA GLU A 339 9.89 21.85 6.17
C GLU A 339 10.96 22.15 7.21
N ILE A 340 10.91 21.41 8.31
CA ILE A 340 11.96 21.47 9.32
C ILE A 340 12.75 20.18 9.26
N VAL A 341 14.08 20.29 9.20
CA VAL A 341 14.96 19.12 9.19
C VAL A 341 15.63 18.95 10.55
N ARG A 342 15.32 17.84 11.21
CA ARG A 342 15.94 17.48 12.49
C ARG A 342 17.06 16.50 12.26
N GLY A 343 18.29 16.94 12.49
CA GLY A 343 19.44 16.09 12.28
C GLY A 343 20.06 16.37 10.93
N GLU A 344 21.13 15.65 10.62
CA GLU A 344 21.81 15.81 9.34
C GLU A 344 21.33 14.75 8.38
N VAL A 345 21.27 15.10 7.10
CA VAL A 345 20.91 14.18 6.04
C VAL A 345 22.18 13.69 5.35
N SER A 346 22.63 12.50 5.73
CA SER A 346 23.92 12.00 5.29
C SER A 346 23.92 10.49 5.04
N LEU A 347 24.67 10.05 4.04
CA LEU A 347 24.81 8.64 3.74
C LEU A 347 25.66 7.92 4.80
N ASP A 348 26.42 8.70 5.56
CA ASP A 348 27.18 8.14 6.68
C ASP A 348 26.24 7.96 7.88
N ALA A 349 25.87 6.71 8.14
CA ALA A 349 24.91 6.36 9.19
C ALA A 349 23.64 7.20 9.17
N PRO A 350 22.82 7.04 8.11
CA PRO A 350 21.60 7.83 7.90
C PRO A 350 20.67 7.82 9.10
N LYS A 351 20.24 9.00 9.51
CA LYS A 351 19.32 9.14 10.63
C LYS A 351 18.84 10.57 10.66
N PHE A 352 17.59 10.78 10.29
CA PHE A 352 17.03 12.12 10.31
C PHE A 352 15.52 12.13 10.35
N THR A 353 14.96 13.29 10.64
CA THR A 353 13.54 13.49 10.76
C THR A 353 13.15 14.74 9.99
N LEU A 354 12.08 14.66 9.20
CA LEU A 354 11.54 15.84 8.55
C LEU A 354 10.17 16.14 9.16
N ILE A 355 9.85 17.42 9.28
CA ILE A 355 8.52 17.81 9.71
C ILE A 355 7.96 18.82 8.71
N GLU A 356 6.76 18.55 8.20
CA GLU A 356 6.11 19.47 7.26
C GLU A 356 5.05 20.27 7.99
N LEU A 357 5.06 21.59 7.77
CA LEU A 357 4.09 22.44 8.44
C LEU A 357 3.31 23.27 7.44
N GLN A 358 2.12 23.68 7.85
CA GLN A 358 1.26 24.56 7.07
C GLN A 358 0.77 25.63 8.04
N LYS A 359 1.19 26.87 7.81
CA LYS A 359 0.88 27.97 8.71
C LYS A 359 1.16 27.61 10.17
N GLY A 360 2.30 26.95 10.42
CA GLY A 360 2.70 26.63 11.78
C GLY A 360 2.20 25.29 12.29
N ARG A 361 1.27 24.68 11.56
CA ARG A 361 0.64 23.46 11.99
C ARG A 361 1.30 22.27 11.31
N ILE A 362 1.61 21.24 12.08
CA ILE A 362 2.21 20.02 11.54
C ILE A 362 1.21 19.31 10.63
N VAL A 363 1.60 19.05 9.38
CA VAL A 363 0.74 18.36 8.43
C VAL A 363 1.37 17.07 7.92
N GLY A 364 2.64 16.84 8.28
CA GLY A 364 3.33 15.62 7.86
C GLY A 364 4.66 15.44 8.59
N ALA A 365 5.19 14.22 8.55
CA ALA A 365 6.49 13.94 9.14
C ALA A 365 7.16 12.74 8.49
N THR A 366 8.48 12.71 8.53
CA THR A 366 9.26 11.61 7.99
C THR A 366 10.32 11.24 9.01
N CYS A 367 10.53 9.94 9.21
CA CYS A 367 11.67 9.49 9.99
C CYS A 367 12.44 8.47 9.20
N VAL A 368 13.76 8.65 9.13
CA VAL A 368 14.64 7.68 8.53
C VAL A 368 15.54 7.15 9.64
N ASN A 369 15.39 5.86 9.93
CA ASN A 369 16.15 5.23 11.01
C ASN A 369 15.93 5.93 12.35
N ASN A 370 14.69 6.29 12.62
CA ASN A 370 14.31 6.91 13.90
C ASN A 370 12.88 6.65 14.32
N ALA A 371 12.56 5.38 14.57
CA ALA A 371 11.20 5.00 14.94
C ALA A 371 10.73 5.71 16.21
N ARG A 372 11.67 6.03 17.10
CA ARG A 372 11.30 6.65 18.36
C ARG A 372 10.69 8.04 18.19
N ASP A 373 11.12 8.76 17.16
CA ASP A 373 10.55 10.07 16.83
C ASP A 373 9.18 9.97 16.17
N PHE A 374 8.95 8.88 15.45
CA PHE A 374 7.78 8.79 14.58
C PHE A 374 6.45 8.75 15.33
N ALA A 375 6.39 7.99 16.41
CA ALA A 375 5.15 7.89 17.17
C ALA A 375 4.69 9.23 17.78
N PRO A 376 5.59 9.94 18.48
CA PRO A 376 5.09 11.24 18.97
C PRO A 376 4.77 12.24 17.85
N LEU A 377 5.48 12.19 16.73
CA LEU A 377 5.15 13.07 15.62
C LEU A 377 3.77 12.79 15.02
N ARG A 378 3.38 11.51 14.98
CA ARG A 378 2.06 11.16 14.47
C ARG A 378 0.96 11.68 15.41
N ARG A 379 1.28 11.72 16.70
CA ARG A 379 0.34 12.23 17.69
C ARG A 379 0.17 13.75 17.57
N LEU A 380 1.28 14.44 17.36
CA LEU A 380 1.26 15.88 17.14
C LEU A 380 0.50 16.20 15.85
N LEU A 381 0.73 15.37 14.83
CA LEU A 381 0.03 15.49 13.56
C LEU A 381 -1.49 15.32 13.72
N ALA A 382 -1.89 14.36 14.54
CA ALA A 382 -3.31 14.02 14.67
C ALA A 382 -4.14 15.15 15.29
N VAL A 383 -3.51 15.95 16.15
CA VAL A 383 -4.22 17.08 16.77
C VAL A 383 -3.91 18.41 16.10
N GLY A 384 -3.12 18.36 15.01
CA GLY A 384 -2.75 19.57 14.29
C GLY A 384 -1.99 20.53 15.18
N ALA A 385 -1.02 20.00 15.92
CA ALA A 385 -0.22 20.80 16.84
C ALA A 385 0.51 21.93 16.11
N LYS A 386 0.66 23.05 16.81
CA LYS A 386 1.46 24.18 16.34
C LYS A 386 2.61 24.44 17.30
N PRO A 387 3.65 23.61 17.26
CA PRO A 387 4.74 23.71 18.24
C PRO A 387 5.76 24.79 17.88
N ASP A 388 6.62 25.14 18.84
CA ASP A 388 7.69 26.08 18.58
C ASP A 388 8.66 25.50 17.56
N ARG A 389 8.82 26.21 16.45
CA ARG A 389 9.56 25.67 15.31
C ARG A 389 11.08 25.64 15.51
N ALA A 390 11.58 26.47 16.42
CA ALA A 390 12.98 26.36 16.83
C ALA A 390 13.15 25.12 17.69
N ALA A 391 12.16 24.85 18.55
CA ALA A 391 12.15 23.65 19.37
C ALA A 391 12.08 22.41 18.49
N LEU A 392 11.25 22.47 17.45
CA LEU A 392 11.12 21.37 16.52
C LEU A 392 12.45 21.07 15.84
N ALA A 393 13.21 22.11 15.53
CA ALA A 393 14.54 21.94 14.94
C ALA A 393 15.56 21.56 16.00
N ASP A 394 15.52 22.27 17.13
CA ASP A 394 16.45 22.04 18.25
C ASP A 394 16.61 20.55 18.54
N PRO A 395 17.82 20.03 18.35
CA PRO A 395 18.05 18.59 18.55
C PRO A 395 17.93 18.17 20.02
N ALA A 396 17.98 19.13 20.94
CA ALA A 396 17.79 18.84 22.36
C ALA A 396 16.39 18.33 22.62
N THR A 397 15.41 19.04 22.08
CA THR A 397 13.97 18.77 22.23
C THR A 397 13.60 17.28 22.24
N ASP A 398 12.82 16.88 23.23
CA ASP A 398 12.22 15.54 23.23
C ASP A 398 10.77 15.62 22.77
N LEU A 399 10.47 14.94 21.67
CA LEU A 399 9.15 15.01 21.06
C LEU A 399 8.08 14.26 21.85
N ARG A 400 8.48 13.23 22.60
CA ARG A 400 7.51 12.48 23.39
C ARG A 400 6.94 13.34 24.51
N LYS A 401 7.78 14.17 25.12
CA LYS A 401 7.33 15.14 26.12
C LYS A 401 6.28 16.05 25.49
N LEU A 402 6.61 16.60 24.33
CA LEU A 402 5.73 17.49 23.57
C LEU A 402 4.37 16.85 23.31
N ALA A 403 4.38 15.59 22.88
CA ALA A 403 3.15 14.90 22.50
C ALA A 403 2.22 14.65 23.70
N ALA A 404 2.81 14.28 24.83
CA ALA A 404 2.05 14.06 26.05
C ALA A 404 1.49 15.38 26.61
N ALA A 405 2.11 16.48 26.20
CA ALA A 405 1.65 17.81 26.61
C ALA A 405 0.77 18.44 25.53
PA FAD B . -5.45 -6.80 -1.07
O1A FAD B . -5.12 -6.57 -2.53
O2A FAD B . -4.28 -7.10 -0.21
O5B FAD B . -6.48 -7.97 -0.93
C5B FAD B . -7.55 -8.13 -1.85
C4B FAD B . -7.80 -9.53 -2.20
O4B FAD B . -9.03 -9.65 -2.85
C3B FAD B . -6.75 -10.06 -3.14
O3B FAD B . -6.31 -11.35 -2.70
C2B FAD B . -7.45 -10.09 -4.38
O2B FAD B . -6.88 -10.98 -5.37
C1B FAD B . -8.81 -10.47 -3.94
N9A FAD B . -9.88 -10.30 -4.94
C8A FAD B . -9.97 -9.32 -5.86
N7A FAD B . -11.09 -9.52 -6.57
C5A FAD B . -11.72 -10.63 -6.10
C6A FAD B . -12.89 -11.30 -6.45
N6A FAD B . -13.76 -10.84 -7.54
N1A FAD B . -13.22 -12.39 -5.76
C2A FAD B . -12.43 -12.81 -4.75
N3A FAD B . -11.29 -12.20 -4.38
C4A FAD B . -10.93 -11.10 -5.06
N1 FAD B . 2.01 -0.87 2.58
C2 FAD B . 2.67 -0.25 3.56
O2 FAD B . 2.08 0.78 4.25
N3 FAD B . 3.93 -0.57 3.92
C4 FAD B . 4.59 -1.46 3.21
O4 FAD B . 5.90 -1.77 3.57
C4X FAD B . 4.01 -2.09 2.10
N5 FAD B . 4.70 -2.90 1.30
C5X FAD B . 4.05 -3.54 0.29
C6 FAD B . 4.78 -4.44 -0.51
C7 FAD B . 4.14 -5.13 -1.56
C7M FAD B . 4.90 -6.07 -2.41
C8 FAD B . 2.78 -4.92 -1.79
C8M FAD B . 2.09 -5.64 -2.90
C9 FAD B . 2.07 -4.04 -0.99
C9A FAD B . 2.70 -3.34 0.06
N10 FAD B . 2.03 -2.46 0.86
C10 FAD B . 2.67 -1.80 1.85
C1' FAD B . 0.65 -2.12 0.62
C2' FAD B . -0.36 -3.05 1.31
O2' FAD B . 0.04 -4.26 1.42
C3' FAD B . -1.78 -2.82 0.81
O3' FAD B . -2.21 -1.54 1.13
C4' FAD B . -2.74 -3.87 1.34
O4' FAD B . -2.38 -5.15 0.84
C5' FAD B . -4.19 -3.61 0.93
O5' FAD B . -5.04 -4.60 1.51
P FAD B . -6.44 -4.95 0.91
O1P FAD B . -7.03 -6.02 1.76
O2P FAD B . -7.29 -3.68 0.73
O3P FAD B . -6.17 -5.46 -0.54
C1 GOL C . 2.94 -1.96 -8.65
O1 GOL C . 3.54 -0.66 -8.62
C2 GOL C . 3.57 -2.89 -7.61
O2 GOL C . 2.63 -3.85 -7.18
C3 GOL C . 4.84 -3.57 -8.17
O3 GOL C . 4.59 -4.34 -9.33
C FMT D . 3.46 -5.54 -17.05
O1 FMT D . 3.30 -6.75 -17.25
O2 FMT D . 3.44 -4.69 -17.93
C FMT E . 22.12 -3.60 -26.17
O1 FMT E . 21.81 -2.43 -26.40
O2 FMT E . 21.49 -4.57 -26.59
C FMT F . -15.01 -5.63 -7.02
O1 FMT F . -14.55 -6.04 -8.10
O2 FMT F . -15.74 -4.64 -6.85
C FMT G . 10.36 -14.74 5.24
O1 FMT G . 10.65 -13.86 6.07
O2 FMT G . 11.11 -15.67 4.94
C FMT H . 12.01 -8.54 -25.65
O1 FMT H . 12.41 -9.69 -25.83
O2 FMT H . 10.82 -8.21 -25.75
C FMT I . 5.04 0.80 -5.77
O1 FMT I . 4.05 0.93 -6.48
O2 FMT I . 5.11 1.13 -4.58
C FMT J . 15.83 3.35 14.39
O1 FMT J . 15.97 2.77 13.30
O2 FMT J . 14.74 3.47 14.94
C FMT K . 20.12 -0.55 -2.83
O1 FMT K . 19.43 -0.35 -3.84
O2 FMT K . 19.70 -0.61 -1.67
#